data_8C2E
#
_entry.id   8C2E
#
_cell.length_a   82.513
_cell.length_b   111.724
_cell.length_c   63.077
_cell.angle_alpha   90.00
_cell.angle_beta   90.00
_cell.angle_gamma   90.00
#
_symmetry.space_group_name_H-M   'C 2 2 21'
#
loop_
_entity.id
_entity.type
_entity.pdbx_description
1 polymer '14-3-3 protein sigma'
2 polymer ARG-SER-ALA-SEP-CYS-PRO-SER-LEU
3 non-polymer 'ethyl 3-bromanyl-2-methyl-propanoate'
4 non-polymer 'MAGNESIUM ION'
5 non-polymer 'CHLORIDE ION'
6 water water
#
loop_
_entity_poly.entity_id
_entity_poly.type
_entity_poly.pdbx_seq_one_letter_code
_entity_poly.pdbx_strand_id
1 'polypeptide(L)'
;GAMGSMERASLIQKAKLAEQAERYEDMAAFMKGAVEKGEELSCEERNLLSVAYKNVVGGQRAAWRVLSSIEQKSNEEGSE
EKGPEVREYREKVETELQGVCDTVLGLLDSHLIKEAGDAESRVFYLKMKGDYYRYLAEVATGDDKKRIIDSARSAYQEAM
DISKKEMPPTNPIRLGLALNFSVFHYEIANSPEEAISLAKTTFDEAMADLHTLSEDSYKDSTLIMQLLRDNLTLWT
;
A
2 'polypeptide(L)' RSA(SEP)CPSL P
#
loop_
_chem_comp.id
_chem_comp.type
_chem_comp.name
_chem_comp.formula
CL non-polymer 'CHLORIDE ION' 'Cl -1'
MG non-polymer 'MAGNESIUM ION' 'Mg 2'
#
# COMPACT_ATOMS: atom_id res chain seq x y z
CA GLY A 1 -10.66 14.60 -16.29
C GLY A 1 -11.89 15.32 -15.73
N ALA A 2 -12.81 14.55 -15.12
CA ALA A 2 -14.07 15.08 -14.61
C ALA A 2 -13.86 16.10 -13.48
N MET A 3 -12.67 16.12 -12.85
CA MET A 3 -12.36 17.05 -11.76
C MET A 3 -11.55 18.24 -12.25
N GLY A 4 -11.32 18.31 -13.57
CA GLY A 4 -10.50 19.35 -14.18
C GLY A 4 -11.05 20.76 -13.98
N SER A 5 -12.37 20.91 -13.73
CA SER A 5 -12.92 22.24 -13.56
C SER A 5 -12.92 22.69 -12.09
N MET A 6 -12.56 21.82 -11.13
CA MET A 6 -12.65 22.17 -9.73
C MET A 6 -11.29 22.65 -9.20
N GLU A 7 -11.33 23.64 -8.29
CA GLU A 7 -10.15 24.14 -7.63
C GLU A 7 -9.43 23.05 -6.84
N ARG A 8 -8.10 23.11 -6.85
CA ARG A 8 -7.27 22.20 -6.09
C ARG A 8 -7.70 22.19 -4.64
N ALA A 9 -7.87 23.39 -4.02
CA ALA A 9 -8.20 23.45 -2.59
C ALA A 9 -9.60 22.87 -2.32
N SER A 10 -10.50 23.03 -3.30
CA SER A 10 -11.84 22.48 -3.19
C SER A 10 -11.83 20.95 -3.26
N LEU A 11 -10.96 20.38 -4.11
CA LEU A 11 -10.82 18.93 -4.19
C LEU A 11 -10.28 18.35 -2.89
N ILE A 12 -9.32 19.04 -2.26
CA ILE A 12 -8.73 18.60 -1.01
C ILE A 12 -9.79 18.68 0.10
N GLN A 13 -10.53 19.77 0.14
CA GLN A 13 -11.60 19.94 1.11
C GLN A 13 -12.63 18.83 0.95
N LYS A 14 -13.02 18.54 -0.30
CA LYS A 14 -14.05 17.53 -0.55
C LYS A 14 -13.54 16.14 -0.18
N ALA A 15 -12.25 15.90 -0.44
CA ALA A 15 -11.64 14.63 -0.05
C ALA A 15 -11.74 14.42 1.46
N LYS A 16 -11.52 15.48 2.24
CA LYS A 16 -11.64 15.35 3.68
C LYS A 16 -13.09 15.08 4.09
N LEU A 17 -14.05 15.70 3.42
CA LEU A 17 -15.45 15.44 3.68
C LEU A 17 -15.82 14.00 3.34
N ALA A 18 -15.35 13.51 2.19
CA ALA A 18 -15.62 12.16 1.74
C ALA A 18 -15.06 11.18 2.74
N GLU A 19 -13.87 11.45 3.27
CA GLU A 19 -13.30 10.61 4.31
C GLU A 19 -14.23 10.53 5.54
N GLN A 20 -14.81 11.67 5.96
CA GLN A 20 -15.64 11.70 7.15
C GLN A 20 -16.93 10.93 6.90
N ALA A 21 -17.39 10.92 5.63
CA ALA A 21 -18.62 10.24 5.28
C ALA A 21 -18.33 8.79 4.87
N GLU A 22 -17.05 8.37 4.90
CA GLU A 22 -16.62 7.04 4.46
C GLU A 22 -17.00 6.77 2.99
N ARG A 23 -16.87 7.81 2.14
CA ARG A 23 -17.08 7.68 0.71
C ARG A 23 -15.73 7.63 0.00
N TYR A 24 -15.09 6.47 0.10
CA TYR A 24 -13.70 6.32 -0.26
C TYR A 24 -13.51 6.42 -1.77
N GLU A 25 -14.50 5.96 -2.52
CA GLU A 25 -14.44 6.06 -3.96
C GLU A 25 -14.48 7.52 -4.40
N ASP A 26 -15.36 8.31 -3.82
CA ASP A 26 -15.36 9.75 -4.08
C ASP A 26 -14.04 10.37 -3.61
N MET A 27 -13.56 9.94 -2.45
CA MET A 27 -12.34 10.47 -1.90
C MET A 27 -11.19 10.24 -2.89
N ALA A 28 -11.12 9.04 -3.47
CA ALA A 28 -10.10 8.70 -4.43
C ALA A 28 -10.20 9.58 -5.67
N ALA A 29 -11.41 9.80 -6.20
CA ALA A 29 -11.57 10.62 -7.40
C ALA A 29 -11.17 12.07 -7.14
N PHE A 30 -11.52 12.59 -5.96
CA PHE A 30 -11.11 13.95 -5.62
C PHE A 30 -9.56 14.06 -5.58
N MET A 31 -8.91 13.06 -4.96
CA MET A 31 -7.46 13.09 -4.80
C MET A 31 -6.72 12.85 -6.12
N LYS A 32 -7.24 11.97 -6.98
CA LYS A 32 -6.74 11.88 -8.34
C LYS A 32 -6.80 13.27 -8.97
N GLY A 33 -7.98 13.93 -8.90
CA GLY A 33 -8.18 15.28 -9.41
C GLY A 33 -7.10 16.24 -8.91
N ALA A 34 -6.84 16.19 -7.59
CA ALA A 34 -5.86 17.06 -6.95
C ALA A 34 -4.46 16.81 -7.50
N VAL A 35 -4.07 15.54 -7.61
CA VAL A 35 -2.78 15.16 -8.16
C VAL A 35 -2.62 15.67 -9.60
N GLU A 36 -3.64 15.50 -10.44
CA GLU A 36 -3.57 15.91 -11.83
C GLU A 36 -3.46 17.44 -12.01
N LYS A 37 -3.63 18.24 -10.95
CA LYS A 37 -3.33 19.66 -11.02
C LYS A 37 -1.85 19.93 -11.24
N GLY A 38 -1.00 18.94 -10.95
CA GLY A 38 0.40 19.03 -11.33
C GLY A 38 1.28 19.59 -10.22
N GLU A 39 0.71 20.04 -9.11
CA GLU A 39 1.52 20.51 -7.98
C GLU A 39 1.88 19.31 -7.08
N GLU A 40 3.07 19.41 -6.47
CA GLU A 40 3.52 18.44 -5.48
C GLU A 40 2.53 18.43 -4.32
N LEU A 41 2.42 17.26 -3.67
CA LEU A 41 1.52 17.08 -2.55
C LEU A 41 2.28 17.32 -1.26
N SER A 42 1.60 17.96 -0.32
CA SER A 42 2.07 18.03 1.06
C SER A 42 1.91 16.67 1.75
N CYS A 43 2.44 16.59 2.97
CA CYS A 43 2.34 15.40 3.79
C CYS A 43 0.89 14.99 4.05
N GLU A 44 0.05 15.94 4.45
CA GLU A 44 -1.35 15.66 4.71
C GLU A 44 -2.05 15.20 3.43
N GLU A 45 -1.68 15.77 2.26
CA GLU A 45 -2.30 15.42 0.99
C GLU A 45 -1.92 13.99 0.55
N ARG A 46 -0.65 13.65 0.72
CA ARG A 46 -0.17 12.31 0.44
C ARG A 46 -0.94 11.31 1.31
N ASN A 47 -1.15 11.64 2.57
CA ASN A 47 -1.90 10.78 3.45
C ASN A 47 -3.32 10.57 2.90
N LEU A 48 -3.98 11.62 2.41
CA LEU A 48 -5.36 11.48 1.95
C LEU A 48 -5.39 10.57 0.73
N LEU A 49 -4.41 10.76 -0.16
CA LEU A 49 -4.31 9.96 -1.36
C LEU A 49 -4.22 8.48 -0.96
N SER A 50 -3.35 8.22 0.01
CA SER A 50 -3.03 6.87 0.44
C SER A 50 -4.26 6.22 1.10
N VAL A 51 -4.93 6.92 1.98
CA VAL A 51 -6.10 6.37 2.64
C VAL A 51 -7.21 6.08 1.61
N ALA A 52 -7.39 6.98 0.64
CA ALA A 52 -8.49 6.82 -0.30
C ALA A 52 -8.31 5.52 -1.05
N TYR A 53 -7.15 5.35 -1.71
CA TYR A 53 -6.94 4.20 -2.56
C TYR A 53 -6.79 2.89 -1.78
N LYS A 54 -6.13 2.90 -0.63
CA LYS A 54 -6.04 1.70 0.18
C LYS A 54 -7.43 1.19 0.57
N ASN A 55 -8.35 2.08 0.92
CA ASN A 55 -9.69 1.65 1.22
C ASN A 55 -10.40 1.13 -0.04
N VAL A 56 -10.30 1.80 -1.17
CA VAL A 56 -10.97 1.31 -2.38
C VAL A 56 -10.39 -0.07 -2.70
N VAL A 57 -9.09 -0.18 -2.76
CA VAL A 57 -8.51 -1.44 -3.17
C VAL A 57 -8.74 -2.49 -2.09
N GLY A 58 -8.76 -2.08 -0.81
CA GLY A 58 -8.98 -3.01 0.30
C GLY A 58 -10.29 -3.79 0.12
N GLY A 59 -11.35 -3.06 -0.25
CA GLY A 59 -12.66 -3.63 -0.49
C GLY A 59 -12.62 -4.62 -1.66
N GLN A 60 -11.89 -4.27 -2.73
CA GLN A 60 -11.84 -5.17 -3.87
C GLN A 60 -11.02 -6.43 -3.57
N ARG A 61 -9.94 -6.31 -2.80
CA ARG A 61 -9.08 -7.45 -2.45
C ARG A 61 -9.87 -8.46 -1.61
N ALA A 62 -10.66 -7.96 -0.65
CA ALA A 62 -11.46 -8.82 0.21
C ALA A 62 -12.53 -9.56 -0.58
N ALA A 63 -13.17 -8.89 -1.55
CA ALA A 63 -14.16 -9.54 -2.39
C ALA A 63 -13.49 -10.61 -3.25
N TRP A 64 -12.36 -10.24 -3.83
CA TRP A 64 -11.60 -11.16 -4.66
C TRP A 64 -11.26 -12.43 -3.91
N ARG A 65 -10.91 -12.31 -2.62
CA ARG A 65 -10.46 -13.48 -1.87
C ARG A 65 -11.66 -14.37 -1.58
N VAL A 66 -12.79 -13.74 -1.21
CA VAL A 66 -14.01 -14.48 -1.03
C VAL A 66 -14.29 -15.27 -2.31
N LEU A 67 -14.19 -14.63 -3.48
CA LEU A 67 -14.59 -15.29 -4.71
C LEU A 67 -13.60 -16.38 -5.17
N SER A 68 -12.27 -16.13 -5.03
CA SER A 68 -11.26 -17.11 -5.40
C SER A 68 -11.47 -18.37 -4.60
N SER A 69 -11.73 -18.20 -3.31
CA SER A 69 -11.95 -19.32 -2.42
C SER A 69 -13.19 -20.14 -2.83
N ILE A 70 -14.28 -19.50 -3.25
CA ILE A 70 -15.45 -20.25 -3.76
C ILE A 70 -15.08 -20.97 -5.06
N GLU A 71 -14.33 -20.27 -5.91
CA GLU A 71 -13.87 -20.82 -7.17
C GLU A 71 -12.99 -22.07 -6.94
N GLN A 72 -12.00 -21.99 -6.03
CA GLN A 72 -11.12 -23.11 -5.74
C GLN A 72 -11.90 -24.29 -5.17
N LYS A 73 -12.85 -24.04 -4.27
CA LYS A 73 -13.71 -25.09 -3.74
C LYS A 73 -14.49 -25.81 -4.86
N SER A 74 -14.81 -25.10 -5.94
CA SER A 74 -15.61 -25.67 -7.03
C SER A 74 -14.76 -26.56 -7.95
N ASN A 75 -13.42 -26.47 -7.84
CA ASN A 75 -12.51 -27.30 -8.61
C ASN A 75 -12.00 -28.49 -7.81
N GLU A 76 -12.71 -28.87 -6.74
CA GLU A 76 -12.48 -30.15 -6.07
C GLU A 76 -13.23 -31.26 -6.82
N GLU A 80 -19.26 -30.71 -7.84
CA GLU A 80 -20.48 -30.57 -8.68
C GLU A 80 -20.39 -29.30 -9.54
N GLU A 81 -20.69 -29.46 -10.83
CA GLU A 81 -20.46 -28.47 -11.88
C GLU A 81 -21.50 -27.35 -11.85
N LYS A 82 -21.06 -26.09 -11.72
CA LYS A 82 -22.00 -25.00 -11.45
C LYS A 82 -22.04 -23.98 -12.59
N GLY A 83 -21.27 -24.18 -13.67
CA GLY A 83 -21.29 -23.26 -14.81
C GLY A 83 -20.19 -22.19 -14.68
N PRO A 84 -20.14 -21.19 -15.60
CA PRO A 84 -19.03 -20.24 -15.62
C PRO A 84 -19.13 -19.03 -14.70
N GLU A 85 -20.17 -18.96 -13.87
CA GLU A 85 -20.54 -17.72 -13.22
C GLU A 85 -19.51 -17.27 -12.18
N VAL A 86 -19.05 -18.22 -11.35
CA VAL A 86 -18.06 -17.92 -10.32
C VAL A 86 -16.80 -17.35 -10.97
N ARG A 87 -16.26 -18.01 -12.01
CA ARG A 87 -15.08 -17.52 -12.70
C ARG A 87 -15.35 -16.17 -13.34
N GLU A 88 -16.50 -16.01 -13.99
CA GLU A 88 -16.81 -14.74 -14.62
C GLU A 88 -16.81 -13.60 -13.59
N TYR A 89 -17.46 -13.82 -12.47
CA TYR A 89 -17.57 -12.74 -11.52
C TYR A 89 -16.20 -12.47 -10.87
N ARG A 90 -15.47 -13.53 -10.51
CA ARG A 90 -14.13 -13.36 -9.98
C ARG A 90 -13.27 -12.54 -10.94
N GLU A 91 -13.32 -12.87 -12.24
CA GLU A 91 -12.63 -12.11 -13.27
C GLU A 91 -13.13 -10.66 -13.31
N LYS A 92 -14.43 -10.44 -13.16
CA LYS A 92 -14.92 -9.07 -13.17
C LYS A 92 -14.27 -8.27 -12.02
N VAL A 93 -14.31 -8.82 -10.79
CA VAL A 93 -13.79 -8.11 -9.62
C VAL A 93 -12.28 -7.87 -9.82
N GLU A 94 -11.59 -8.90 -10.31
CA GLU A 94 -10.17 -8.87 -10.57
C GLU A 94 -9.79 -7.75 -11.53
N THR A 95 -10.54 -7.66 -12.63
CA THR A 95 -10.35 -6.64 -13.64
C THR A 95 -10.48 -5.24 -13.04
N GLU A 96 -11.48 -5.02 -12.18
CA GLU A 96 -11.65 -3.72 -11.57
C GLU A 96 -10.49 -3.42 -10.63
N LEU A 97 -10.07 -4.42 -9.86
CA LEU A 97 -8.93 -4.31 -8.98
C LEU A 97 -7.67 -3.90 -9.76
N GLN A 98 -7.46 -4.50 -10.93
CA GLN A 98 -6.30 -4.21 -11.73
C GLN A 98 -6.40 -2.80 -12.32
N GLY A 99 -7.59 -2.32 -12.62
CA GLY A 99 -7.75 -0.96 -13.09
C GLY A 99 -7.42 0.07 -12.01
N VAL A 100 -7.82 -0.17 -10.77
CA VAL A 100 -7.46 0.74 -9.67
C VAL A 100 -5.94 0.76 -9.44
N CYS A 101 -5.31 -0.40 -9.34
CA CYS A 101 -3.85 -0.46 -9.25
C CYS A 101 -3.20 0.25 -10.44
N ASP A 102 -3.70 0.06 -11.66
CA ASP A 102 -3.16 0.72 -12.83
C ASP A 102 -3.36 2.23 -12.74
N THR A 103 -4.47 2.68 -12.16
CA THR A 103 -4.67 4.11 -11.95
C THR A 103 -3.59 4.69 -11.02
N VAL A 104 -3.32 4.01 -9.90
CA VAL A 104 -2.38 4.53 -8.90
C VAL A 104 -0.98 4.54 -9.50
N LEU A 105 -0.57 3.44 -10.13
CA LEU A 105 0.77 3.35 -10.71
C LEU A 105 0.94 4.38 -11.83
N GLY A 106 -0.14 4.69 -12.55
CA GLY A 106 -0.06 5.72 -13.58
C GLY A 106 0.21 7.09 -12.95
N LEU A 107 -0.47 7.39 -11.82
CA LEU A 107 -0.25 8.65 -11.13
C LEU A 107 1.20 8.75 -10.65
N LEU A 108 1.75 7.65 -10.10
CA LEU A 108 3.10 7.65 -9.55
C LEU A 108 4.10 7.92 -10.66
N ASP A 109 3.82 7.34 -11.82
CA ASP A 109 4.69 7.46 -12.99
C ASP A 109 4.51 8.80 -13.73
N SER A 110 3.34 9.43 -13.60
CA SER A 110 3.05 10.74 -14.21
C SER A 110 2.42 11.73 -13.24
N HIS A 111 3.16 12.41 -12.35
CA HIS A 111 4.62 12.50 -12.35
C HIS A 111 5.09 12.59 -10.89
N LEU A 112 4.38 11.94 -9.97
CA LEU A 112 4.65 12.05 -8.55
C LEU A 112 6.08 11.63 -8.20
N ILE A 113 6.54 10.49 -8.69
CA ILE A 113 7.83 9.96 -8.26
C ILE A 113 8.96 10.87 -8.77
N LYS A 114 8.95 11.20 -10.07
CA LYS A 114 10.07 11.95 -10.64
C LYS A 114 10.17 13.36 -10.05
N GLU A 115 9.07 13.95 -9.55
CA GLU A 115 9.15 15.28 -8.94
C GLU A 115 9.54 15.23 -7.46
N ALA A 116 9.51 14.05 -6.84
CA ALA A 116 9.79 13.87 -5.42
C ALA A 116 11.29 13.99 -5.13
N GLY A 117 11.73 15.08 -4.50
CA GLY A 117 13.13 15.27 -4.15
C GLY A 117 13.47 14.92 -2.69
N ASP A 118 12.53 15.16 -1.78
CA ASP A 118 12.79 14.94 -0.36
C ASP A 118 12.60 13.44 -0.08
N ALA A 119 13.36 12.97 0.90
CA ALA A 119 13.34 11.57 1.32
C ALA A 119 11.92 11.16 1.72
N GLU A 120 11.20 12.00 2.45
CA GLU A 120 9.87 11.67 2.94
C GLU A 120 8.93 11.37 1.76
N SER A 121 8.91 12.27 0.78
CA SER A 121 7.97 12.13 -0.32
C SER A 121 8.40 10.93 -1.16
N ARG A 122 9.71 10.76 -1.36
CA ARG A 122 10.21 9.79 -2.31
C ARG A 122 9.99 8.37 -1.78
N VAL A 123 10.26 8.19 -0.49
CA VAL A 123 10.03 6.93 0.16
C VAL A 123 8.55 6.61 0.09
N PHE A 124 7.72 7.57 0.49
CA PHE A 124 6.27 7.44 0.43
C PHE A 124 5.80 6.91 -0.94
N TYR A 125 6.28 7.51 -2.04
CA TYR A 125 5.79 7.19 -3.37
C TYR A 125 6.31 5.83 -3.81
N LEU A 126 7.54 5.49 -3.41
CA LEU A 126 8.10 4.21 -3.81
C LEU A 126 7.46 3.06 -3.05
N LYS A 127 7.17 3.25 -1.78
CA LYS A 127 6.41 2.30 -1.02
C LYS A 127 5.04 2.04 -1.64
N MET A 128 4.36 3.12 -2.03
CA MET A 128 3.06 3.02 -2.67
C MET A 128 3.18 2.16 -3.92
N LYS A 129 4.24 2.38 -4.69
CA LYS A 129 4.47 1.63 -5.90
C LYS A 129 4.67 0.14 -5.56
N GLY A 130 5.49 -0.16 -4.57
CA GLY A 130 5.65 -1.53 -4.10
C GLY A 130 4.32 -2.18 -3.72
N ASP A 131 3.50 -1.47 -2.96
CA ASP A 131 2.24 -2.01 -2.49
C ASP A 131 1.30 -2.28 -3.66
N TYR A 132 1.23 -1.38 -4.67
CA TYR A 132 0.28 -1.57 -5.75
C TYR A 132 0.75 -2.69 -6.69
N TYR A 133 2.06 -2.89 -6.88
CA TYR A 133 2.52 -4.07 -7.61
C TYR A 133 2.26 -5.34 -6.78
N ARG A 134 2.42 -5.25 -5.45
CA ARG A 134 2.12 -6.38 -4.60
C ARG A 134 0.65 -6.79 -4.77
N TYR A 135 -0.27 -5.83 -4.88
CA TYR A 135 -1.67 -6.18 -5.01
C TYR A 135 -1.91 -6.82 -6.37
N LEU A 136 -1.22 -6.34 -7.42
CA LEU A 136 -1.32 -6.99 -8.72
C LEU A 136 -0.79 -8.42 -8.65
N ALA A 137 0.29 -8.61 -7.88
CA ALA A 137 0.92 -9.91 -7.76
C ALA A 137 -0.04 -10.90 -7.10
N GLU A 138 -0.84 -10.46 -6.12
CA GLU A 138 -1.73 -11.34 -5.40
C GLU A 138 -2.71 -12.04 -6.35
N VAL A 139 -3.03 -11.43 -7.50
CA VAL A 139 -4.07 -11.95 -8.37
C VAL A 139 -3.46 -12.45 -9.68
N ALA A 140 -2.13 -12.36 -9.85
CA ALA A 140 -1.52 -12.67 -11.13
C ALA A 140 -1.22 -14.18 -11.20
N THR A 141 -1.30 -14.73 -12.42
CA THR A 141 -1.15 -16.17 -12.66
C THR A 141 -0.11 -16.40 -13.77
N GLY A 142 -0.48 -16.03 -15.00
CA GLY A 142 0.29 -16.31 -16.20
C GLY A 142 1.52 -15.42 -16.35
N ASP A 144 3.83 -13.41 -16.33
CA ASP A 144 3.77 -11.98 -15.90
C ASP A 144 3.73 -11.85 -14.37
N LYS A 145 3.41 -12.90 -13.61
CA LYS A 145 3.52 -12.82 -12.16
C LYS A 145 4.96 -12.49 -11.78
N LYS A 146 5.91 -13.08 -12.51
CA LYS A 146 7.32 -12.94 -12.20
C LYS A 146 7.78 -11.50 -12.38
N ARG A 147 7.43 -10.86 -13.51
CA ARG A 147 7.81 -9.47 -13.73
C ARG A 147 7.13 -8.52 -12.72
N ILE A 148 5.91 -8.85 -12.33
CA ILE A 148 5.15 -8.04 -11.41
C ILE A 148 5.84 -8.10 -10.04
N ILE A 149 6.18 -9.31 -9.60
CA ILE A 149 6.86 -9.56 -8.33
C ILE A 149 8.17 -8.77 -8.32
N ASP A 150 8.88 -8.77 -9.45
CA ASP A 150 10.18 -8.10 -9.49
C ASP A 150 10.00 -6.58 -9.46
N SER A 151 8.97 -6.05 -10.12
CA SER A 151 8.69 -4.62 -10.02
C SER A 151 8.36 -4.21 -8.58
N ALA A 152 7.60 -5.03 -7.84
CA ALA A 152 7.35 -4.78 -6.42
C ALA A 152 8.64 -4.74 -5.62
N ARG A 153 9.45 -5.79 -5.72
CA ARG A 153 10.70 -5.91 -5.01
C ARG A 153 11.55 -4.69 -5.29
N SER A 154 11.71 -4.36 -6.57
CA SER A 154 12.58 -3.26 -6.93
C SER A 154 12.10 -1.91 -6.33
N ALA A 155 10.78 -1.65 -6.29
CA ALA A 155 10.31 -0.41 -5.68
C ALA A 155 10.55 -0.40 -4.18
N TYR A 156 10.29 -1.53 -3.49
CA TYR A 156 10.46 -1.63 -2.06
C TYR A 156 11.94 -1.46 -1.65
N GLN A 157 12.84 -2.08 -2.42
N GLN A 157 12.82 -2.12 -2.41
CA GLN A 157 14.26 -2.04 -2.13
CA GLN A 157 14.27 -2.10 -2.24
C GLN A 157 14.78 -0.62 -2.29
C GLN A 157 14.79 -0.67 -2.33
N GLU A 158 14.33 0.06 -3.35
CA GLU A 158 14.73 1.44 -3.59
C GLU A 158 14.26 2.34 -2.43
N ALA A 159 13.01 2.13 -1.99
CA ALA A 159 12.52 2.88 -0.83
C ALA A 159 13.30 2.54 0.45
N MET A 160 13.65 1.27 0.66
CA MET A 160 14.37 0.84 1.85
C MET A 160 15.76 1.50 1.86
N ASP A 161 16.45 1.54 0.72
CA ASP A 161 17.76 2.17 0.63
C ASP A 161 17.68 3.64 1.03
N ILE A 162 16.69 4.40 0.53
CA ILE A 162 16.60 5.80 0.89
C ILE A 162 16.21 5.92 2.37
N SER A 163 15.26 5.10 2.84
CA SER A 163 14.81 5.25 4.21
C SER A 163 15.93 4.97 5.21
N LYS A 164 16.80 4.01 4.89
CA LYS A 164 17.92 3.67 5.75
C LYS A 164 18.95 4.81 5.80
N LYS A 165 19.19 5.50 4.69
CA LYS A 165 20.12 6.62 4.67
C LYS A 165 19.53 7.88 5.31
N GLU A 166 18.24 8.14 5.16
CA GLU A 166 17.73 9.49 5.32
C GLU A 166 16.77 9.65 6.50
N MET A 167 16.41 8.56 7.19
CA MET A 167 15.34 8.66 8.17
C MET A 167 15.76 7.89 9.41
N PRO A 168 15.29 8.33 10.59
CA PRO A 168 15.54 7.57 11.81
C PRO A 168 14.72 6.28 11.84
N PRO A 169 15.21 5.26 12.55
CA PRO A 169 14.58 3.95 12.58
C PRO A 169 13.15 3.88 13.12
N THR A 170 12.72 4.91 13.83
CA THR A 170 11.37 4.98 14.40
C THR A 170 10.42 5.78 13.51
N ASN A 171 10.91 6.36 12.42
CA ASN A 171 10.04 7.10 11.52
C ASN A 171 8.86 6.22 11.07
N PRO A 172 7.58 6.58 11.32
CA PRO A 172 6.46 5.67 10.98
C PRO A 172 6.47 5.11 9.56
N ILE A 173 6.90 5.87 8.55
CA ILE A 173 6.83 5.41 7.17
C ILE A 173 7.98 4.42 6.90
N ARG A 174 9.13 4.64 7.52
CA ARG A 174 10.20 3.68 7.45
C ARG A 174 9.73 2.36 8.05
N LEU A 175 9.03 2.43 9.17
CA LEU A 175 8.54 1.23 9.82
C LEU A 175 7.46 0.55 8.99
N GLY A 176 6.51 1.33 8.48
CA GLY A 176 5.41 0.80 7.69
C GLY A 176 5.91 0.21 6.38
N LEU A 177 6.94 0.84 5.81
CA LEU A 177 7.59 0.29 4.62
C LEU A 177 8.16 -1.10 4.93
N ALA A 178 8.84 -1.24 6.07
CA ALA A 178 9.53 -2.48 6.36
C ALA A 178 8.48 -3.54 6.64
N LEU A 179 7.43 -3.19 7.36
CA LEU A 179 6.35 -4.12 7.61
C LEU A 179 5.77 -4.66 6.30
N ASN A 180 5.42 -3.76 5.38
CA ASN A 180 4.83 -4.17 4.12
C ASN A 180 5.81 -4.97 3.26
N PHE A 181 7.11 -4.66 3.33
CA PHE A 181 8.11 -5.37 2.55
C PHE A 181 8.27 -6.77 3.10
N SER A 182 8.18 -6.90 4.43
CA SER A 182 8.25 -8.21 5.05
C SER A 182 7.03 -9.04 4.66
N VAL A 183 5.85 -8.44 4.54
CA VAL A 183 4.65 -9.18 4.12
C VAL A 183 4.79 -9.65 2.68
N PHE A 184 5.37 -8.79 1.84
CA PHE A 184 5.77 -9.15 0.50
C PHE A 184 6.61 -10.42 0.49
N HIS A 185 7.69 -10.43 1.28
CA HIS A 185 8.57 -11.59 1.34
C HIS A 185 7.81 -12.84 1.77
N TYR A 186 6.97 -12.72 2.79
CA TYR A 186 6.29 -13.88 3.34
C TYR A 186 5.15 -14.36 2.43
N GLU A 187 4.32 -13.45 1.93
CA GLU A 187 3.06 -13.88 1.28
C GLU A 187 3.23 -13.96 -0.25
N ILE A 188 4.17 -13.20 -0.83
CA ILE A 188 4.24 -13.08 -2.28
C ILE A 188 5.48 -13.77 -2.82
N ALA A 189 6.64 -13.50 -2.22
CA ALA A 189 7.89 -13.94 -2.81
C ALA A 189 8.29 -15.30 -2.25
N ASN A 190 7.48 -15.86 -1.35
CA ASN A 190 7.75 -17.19 -0.83
C ASN A 190 9.10 -17.21 -0.11
N SER A 191 9.39 -16.20 0.74
CA SER A 191 10.67 -16.16 1.43
C SER A 191 10.42 -15.87 2.91
N PRO A 192 9.80 -16.79 3.65
CA PRO A 192 9.43 -16.54 5.04
C PRO A 192 10.63 -16.17 5.93
N GLU A 193 11.80 -16.72 5.62
CA GLU A 193 13.00 -16.42 6.37
C GLU A 193 13.43 -14.98 6.17
N GLU A 194 13.38 -14.48 4.92
CA GLU A 194 13.67 -13.08 4.65
C GLU A 194 12.68 -12.20 5.43
N ALA A 195 11.41 -12.62 5.42
CA ALA A 195 10.35 -11.88 6.08
C ALA A 195 10.62 -11.70 7.57
N ILE A 196 10.91 -12.80 8.26
CA ILE A 196 11.18 -12.86 9.69
C ILE A 196 12.43 -12.04 10.03
N SER A 197 13.46 -12.15 9.23
CA SER A 197 14.69 -11.42 9.48
C SER A 197 14.49 -9.92 9.32
N LEU A 198 13.71 -9.51 8.32
CA LEU A 198 13.49 -8.09 8.15
C LEU A 198 12.63 -7.59 9.32
N ALA A 199 11.59 -8.33 9.69
CA ALA A 199 10.72 -7.83 10.77
C ALA A 199 11.52 -7.68 12.08
N LYS A 200 12.36 -8.66 12.41
CA LYS A 200 13.10 -8.65 13.68
C LYS A 200 14.08 -7.49 13.73
N THR A 201 14.86 -7.31 12.68
CA THR A 201 15.88 -6.25 12.64
C THR A 201 15.26 -4.86 12.66
N THR A 202 14.14 -4.71 11.95
CA THR A 202 13.36 -3.48 11.98
C THR A 202 12.87 -3.17 13.40
N PHE A 203 12.26 -4.16 14.07
CA PHE A 203 11.74 -3.96 15.41
C PHE A 203 12.89 -3.57 16.37
N ASP A 204 13.98 -4.32 16.32
CA ASP A 204 15.11 -4.11 17.23
C ASP A 204 15.72 -2.71 17.05
N GLU A 205 15.87 -2.25 15.82
CA GLU A 205 16.48 -0.96 15.56
C GLU A 205 15.56 0.18 16.02
N ALA A 206 14.25 0.02 15.87
CA ALA A 206 13.31 1.02 16.37
C ALA A 206 13.33 1.09 17.90
N MET A 207 13.29 -0.06 18.57
CA MET A 207 13.33 -0.20 20.01
C MET A 207 14.41 0.69 20.61
N ALA A 208 15.59 0.67 19.99
CA ALA A 208 16.79 1.30 20.51
C ALA A 208 16.79 2.79 20.18
N ASP A 209 15.77 3.27 19.45
CA ASP A 209 15.70 4.67 19.07
C ASP A 209 14.49 5.34 19.72
N LEU A 210 13.69 4.59 20.50
CA LEU A 210 12.48 5.14 21.12
C LEU A 210 12.82 6.31 22.05
N HIS A 211 13.99 6.24 22.67
CA HIS A 211 14.36 7.18 23.71
C HIS A 211 14.46 8.60 23.13
N THR A 212 14.57 8.73 21.80
CA THR A 212 14.79 10.05 21.23
C THR A 212 13.49 10.79 21.00
N LEU A 213 12.37 10.06 21.08
CA LEU A 213 11.08 10.58 20.67
C LEU A 213 10.36 11.31 21.81
N SER A 214 9.54 12.29 21.41
CA SER A 214 8.50 12.86 22.26
C SER A 214 7.43 11.79 22.50
N GLU A 215 6.56 12.03 23.47
CA GLU A 215 5.45 11.14 23.77
C GLU A 215 4.53 10.92 22.56
N ASP A 216 4.37 11.93 21.69
CA ASP A 216 3.48 11.78 20.54
C ASP A 216 4.12 10.96 19.43
N SER A 217 5.38 11.26 19.12
CA SER A 217 6.15 10.49 18.17
C SER A 217 6.23 9.03 18.66
N TYR A 218 6.44 8.88 19.98
CA TYR A 218 6.54 7.57 20.61
C TYR A 218 5.32 6.70 20.34
N LYS A 219 4.14 7.28 20.57
CA LYS A 219 2.87 6.62 20.30
C LYS A 219 2.74 6.23 18.82
N ASP A 220 3.15 7.09 17.87
CA ASP A 220 3.03 6.73 16.44
C ASP A 220 3.96 5.57 16.06
N SER A 221 5.21 5.57 16.55
CA SER A 221 6.11 4.51 16.15
C SER A 221 5.63 3.16 16.72
N THR A 222 5.26 3.15 18.01
CA THR A 222 5.00 1.88 18.68
C THR A 222 3.77 1.17 18.12
N LEU A 223 2.81 1.91 17.58
CA LEU A 223 1.68 1.28 16.91
C LEU A 223 2.13 0.36 15.74
N ILE A 224 3.06 0.84 14.90
CA ILE A 224 3.52 0.03 13.76
C ILE A 224 4.37 -1.13 14.28
N MET A 225 5.17 -0.88 15.32
CA MET A 225 6.03 -1.89 15.94
C MET A 225 5.21 -3.09 16.46
N GLN A 226 4.03 -2.82 17.03
CA GLN A 226 3.14 -3.88 17.47
C GLN A 226 2.72 -4.79 16.31
N LEU A 227 2.47 -4.23 15.12
CA LEU A 227 2.07 -5.05 13.98
C LEU A 227 3.24 -5.91 13.51
N LEU A 228 4.48 -5.38 13.57
CA LEU A 228 5.63 -6.22 13.27
C LEU A 228 5.67 -7.40 14.23
N ARG A 229 5.44 -7.11 15.51
CA ARG A 229 5.52 -8.16 16.54
C ARG A 229 4.35 -9.13 16.35
N ASP A 230 3.16 -8.62 16.03
CA ASP A 230 2.06 -9.53 15.74
C ASP A 230 2.43 -10.46 14.59
N ASN A 231 3.08 -9.96 13.53
CA ASN A 231 3.37 -10.88 12.44
C ASN A 231 4.41 -11.90 12.89
N LEU A 232 5.48 -11.44 13.56
CA LEU A 232 6.50 -12.35 14.07
C LEU A 232 5.89 -13.46 14.93
N THR A 233 4.88 -13.15 15.74
CA THR A 233 4.21 -14.16 16.56
C THR A 233 3.44 -15.15 15.67
N LEU A 234 2.91 -14.66 14.55
CA LEU A 234 2.22 -15.53 13.61
C LEU A 234 3.22 -16.40 12.85
N TRP A 235 4.34 -15.81 12.43
CA TRP A 235 5.23 -16.50 11.51
C TRP A 235 6.15 -17.47 12.24
N THR A 236 6.31 -17.31 13.56
CA THR A 236 7.17 -18.16 14.36
C THR A 236 6.32 -18.97 15.36
N ARG B 1 -3.60 -14.88 8.10
CA ARG B 1 -2.96 -13.95 7.14
C ARG B 1 -2.16 -12.89 7.91
N SER B 2 -1.03 -12.48 7.30
CA SER B 2 -0.17 -11.43 7.83
C SER B 2 -0.88 -10.08 7.71
N ALA B 3 -0.65 -9.20 8.70
CA ALA B 3 -1.18 -7.86 8.68
C ALA B 3 -0.15 -6.94 8.03
N SEP B 4 -0.64 -6.16 7.06
CA SEP B 4 0.14 -5.11 6.45
CB SEP B 4 -0.10 -5.06 4.95
OG SEP B 4 -1.51 -4.70 4.74
C SEP B 4 -0.21 -3.80 7.16
O SEP B 4 -1.05 -3.76 8.04
P SEP B 4 -2.03 -4.72 3.22
O1P SEP B 4 -1.79 -6.10 2.68
O2P SEP B 4 -3.49 -4.40 3.35
O3P SEP B 4 -1.19 -3.70 2.49
N CYS B 5 0.42 -2.71 6.78
CA CYS B 5 0.24 -1.47 7.49
C CYS B 5 -1.19 -0.97 7.20
N PRO B 6 -2.02 -0.70 8.23
CA PRO B 6 -3.43 -0.33 8.03
C PRO B 6 -3.58 1.13 7.61
N SER B 7 -4.77 1.48 7.09
CA SER B 7 -5.06 2.80 6.56
C SER B 7 -5.24 3.80 7.71
N LEU B 8 -4.25 4.69 7.85
CA LEU B 8 -4.11 5.59 8.99
C1 TJI C . 1.88 5.39 10.00
C2 TJI C . 2.64 5.30 8.71
O1 TJI C . 1.85 4.55 7.74
C3 TJI C . 2.52 3.81 6.86
O2 TJI C . 3.72 3.70 6.84
C4 TJI C . 1.57 3.07 5.96
C5 TJI C . 0.62 2.32 6.85
C6 TJI C . 2.23 2.13 4.99
MG MG D . -23.00 -34.45 -7.10
CL CL E . -19.92 -10.93 -14.16
CL CL F . 11.20 0.99 -9.04
CL CL G . -16.95 4.16 -1.51
#